data_3URF
#
_entry.id   3URF
#
_cell.length_a   144.800
_cell.length_b   144.800
_cell.length_c   144.800
_cell.angle_alpha   90.00
_cell.angle_beta   90.00
_cell.angle_gamma   90.00
#
_symmetry.space_group_name_H-M   'P 41 3 2'
#
loop_
_entity.id
_entity.type
_entity.pdbx_description
1 polymer 'Tumor necrosis factor ligand superfamily member 11, soluble form'
2 polymer 'Tumor necrosis factor receptor superfamily member 11B'
3 non-polymer 2-acetamido-2-deoxy-beta-D-glucopyranose
4 water water
#
loop_
_entity_poly.entity_id
_entity_poly.type
_entity_poly.pdbx_seq_one_letter_code
_entity_poly.pdbx_strand_id
1 'polypeptide(L)'
;AQPFAHLTINATDIPSGSHKVSLSSWYHDRGWAKISNMTFSNGKLIVNQDGFYYLYANICFRHHETSGDLATEYLQLMVY
VTKTSIKIPSSHTLMKGGSTKYWSGNSEFHFYSINVGGFFKLRSGEEISIEVSNPSLLDPDQDATYFGAFKVRDIDHHHH
HH
;
A
2 'polypeptide(L)'
;ETFPPKYLHYDEETSHQLLCDKCPPGTYLKQHCTAKWKTVCAPCPDHYYTDSWHTSDECLYCSPVCKELQYVKQECNRTH
NRVCECKEGRYLEIEFCLKHRSCPPGFGVVQAGTPERNTVCKRCPDGFFSNETSSKAPCRKHTNCSVFGLLLTQKGNATH
DNICSHHHHHH
;
Z
#
# COMPACT_ATOMS: atom_id res chain seq x y z
N ALA A 1 -17.66 -19.98 -20.87
CA ALA A 1 -18.31 -19.64 -19.61
C ALA A 1 -17.47 -20.08 -18.40
N GLN A 2 -16.19 -20.35 -18.64
CA GLN A 2 -15.26 -20.67 -17.55
C GLN A 2 -14.09 -19.71 -17.66
N PRO A 3 -14.20 -18.52 -17.04
CA PRO A 3 -13.32 -17.37 -17.27
C PRO A 3 -11.88 -17.60 -16.83
N PHE A 4 -10.96 -16.98 -17.55
CA PHE A 4 -9.56 -17.06 -17.15
C PHE A 4 -8.84 -15.80 -17.58
N ALA A 5 -7.64 -15.63 -17.03
CA ALA A 5 -6.70 -14.59 -17.47
C ALA A 5 -5.25 -14.99 -17.18
N HIS A 6 -4.34 -14.56 -18.04
CA HIS A 6 -2.92 -14.72 -17.77
C HIS A 6 -2.29 -13.45 -18.33
N LEU A 7 -1.87 -12.58 -17.42
CA LEU A 7 -1.34 -11.28 -17.81
C LEU A 7 0.13 -11.24 -17.56
N THR A 8 0.85 -10.75 -18.54
CA THR A 8 2.29 -10.70 -18.51
C THR A 8 2.70 -9.24 -18.46
N ILE A 9 3.77 -8.99 -17.70
CA ILE A 9 4.24 -7.64 -17.47
C ILE A 9 4.50 -6.93 -18.78
N ASN A 10 4.10 -5.67 -18.83
CA ASN A 10 4.44 -4.79 -19.91
C ASN A 10 5.49 -3.81 -19.38
N ALA A 11 6.76 -4.14 -19.62
CA ALA A 11 7.92 -3.42 -19.08
C ALA A 11 8.07 -2.00 -19.63
N THR A 12 7.27 -1.68 -20.63
CA THR A 12 7.21 -0.34 -21.18
C THR A 12 7.02 0.73 -20.13
N ASP A 13 6.25 0.40 -19.10
CA ASP A 13 5.85 1.42 -18.15
C ASP A 13 5.91 0.86 -16.76
N ILE A 14 7.11 0.90 -16.19
CA ILE A 14 7.34 0.38 -14.86
C ILE A 14 7.77 1.57 -13.98
N PRO A 15 7.19 1.66 -12.78
CA PRO A 15 7.41 2.81 -11.91
C PRO A 15 8.59 2.62 -10.99
N SER A 16 9.17 3.71 -10.50
CA SER A 16 10.15 3.61 -9.43
C SER A 16 9.35 3.81 -8.16
N GLY A 17 9.93 3.49 -7.01
CA GLY A 17 9.17 3.61 -5.78
C GLY A 17 9.81 2.88 -4.64
N SER A 18 9.57 3.37 -3.43
CA SER A 18 10.26 2.82 -2.27
C SER A 18 9.32 2.23 -1.22
N HIS A 19 8.13 1.83 -1.62
CA HIS A 19 7.27 1.03 -0.76
C HIS A 19 6.65 -0.08 -1.59
N LYS A 20 5.43 -0.46 -1.24
CA LYS A 20 4.65 -1.33 -2.10
C LYS A 20 4.14 -0.47 -3.25
N VAL A 21 4.47 -0.83 -4.47
CA VAL A 21 3.97 -0.02 -5.55
C VAL A 21 3.11 -0.85 -6.49
N SER A 22 2.05 -0.22 -6.96
CA SER A 22 1.05 -0.90 -7.75
C SER A 22 1.51 -1.08 -9.17
N LEU A 23 1.31 -2.29 -9.69
CA LEU A 23 1.62 -2.57 -11.07
C LEU A 23 0.37 -2.56 -11.94
N SER A 24 0.25 -1.50 -12.72
CA SER A 24 -0.90 -1.33 -13.58
C SER A 24 -0.65 -1.75 -15.02
N SER A 25 0.59 -2.10 -15.35
CA SER A 25 0.96 -2.29 -16.76
C SER A 25 1.17 -3.74 -17.16
N TRP A 26 0.18 -4.28 -17.88
CA TRP A 26 0.18 -5.69 -18.27
C TRP A 26 -0.40 -5.88 -19.65
N TYR A 27 0.11 -6.89 -20.34
CA TYR A 27 -0.46 -7.35 -21.58
C TYR A 27 -1.58 -8.34 -21.24
N HIS A 28 -2.62 -8.36 -22.07
CA HIS A 28 -3.73 -9.30 -21.86
C HIS A 28 -4.05 -10.11 -23.12
N ASP A 29 -3.38 -9.77 -24.21
CA ASP A 29 -3.73 -10.36 -25.48
C ASP A 29 -2.48 -10.50 -26.37
N ARG A 30 -1.47 -11.19 -25.87
CA ARG A 30 -0.24 -11.33 -26.66
C ARG A 30 0.77 -12.28 -26.04
N GLY A 31 1.36 -13.12 -26.90
CA GLY A 31 2.19 -14.21 -26.42
C GLY A 31 1.36 -15.08 -25.51
N TRP A 32 1.82 -15.28 -24.28
CA TRP A 32 1.09 -16.15 -23.36
C TRP A 32 -0.06 -15.38 -22.73
N ALA A 33 -0.11 -14.08 -22.96
CA ALA A 33 -1.10 -13.25 -22.29
C ALA A 33 -2.45 -13.38 -22.98
N LYS A 34 -3.38 -13.96 -22.25
CA LYS A 34 -4.66 -14.38 -22.77
C LYS A 34 -5.73 -13.92 -21.75
N ILE A 35 -6.91 -13.56 -22.21
CA ILE A 35 -8.04 -13.32 -21.28
C ILE A 35 -9.41 -13.75 -21.82
N SER A 36 -10.22 -14.29 -20.93
CA SER A 36 -11.57 -14.73 -21.28
C SER A 36 -12.58 -14.44 -20.17
N ASN A 37 -13.66 -13.77 -20.58
CA ASN A 37 -14.80 -13.43 -19.74
C ASN A 37 -14.43 -12.80 -18.41
N MET A 38 -13.29 -12.13 -18.40
CA MET A 38 -12.94 -11.22 -17.33
C MET A 38 -12.46 -10.00 -18.07
N THR A 39 -12.32 -8.88 -17.39
CA THR A 39 -11.80 -7.73 -18.10
C THR A 39 -10.63 -7.13 -17.37
N PHE A 40 -9.62 -6.75 -18.14
CA PHE A 40 -8.50 -6.04 -17.60
C PHE A 40 -8.71 -4.57 -17.86
N SER A 41 -8.81 -3.81 -16.78
CA SER A 41 -9.13 -2.40 -16.90
C SER A 41 -8.40 -1.60 -15.84
N ASN A 42 -8.07 -0.37 -16.21
CA ASN A 42 -7.33 0.52 -15.32
C ASN A 42 -6.28 -0.12 -14.42
N GLY A 43 -5.59 -1.13 -14.92
CA GLY A 43 -4.52 -1.73 -14.15
C GLY A 43 -4.94 -2.95 -13.36
N LYS A 44 -6.24 -3.13 -13.20
CA LYS A 44 -6.74 -4.29 -12.45
C LYS A 44 -7.44 -5.33 -13.32
N LEU A 45 -7.39 -6.57 -12.86
CA LEU A 45 -8.13 -7.64 -13.49
C LEU A 45 -9.52 -7.74 -12.86
N ILE A 46 -10.54 -7.39 -13.64
CA ILE A 46 -11.92 -7.43 -13.16
C ILE A 46 -12.55 -8.80 -13.33
N VAL A 47 -13.26 -9.23 -12.30
CA VAL A 47 -14.07 -10.44 -12.36
C VAL A 47 -15.44 -10.10 -12.91
N ASN A 48 -15.88 -10.84 -13.91
CA ASN A 48 -17.20 -10.61 -14.48
C ASN A 48 -18.21 -11.65 -14.00
N GLN A 49 -17.72 -12.75 -13.47
CA GLN A 49 -18.56 -13.90 -13.18
C GLN A 49 -18.25 -14.49 -11.81
N ASP A 50 -19.26 -14.58 -10.95
CA ASP A 50 -19.08 -15.20 -9.63
C ASP A 50 -18.37 -16.52 -9.79
N GLY A 51 -17.68 -16.94 -8.73
CA GLY A 51 -17.14 -18.28 -8.68
C GLY A 51 -15.89 -18.39 -7.84
N PHE A 52 -15.36 -19.59 -7.81
CA PHE A 52 -14.09 -19.79 -7.15
C PHE A 52 -12.99 -19.82 -8.19
N TYR A 53 -11.96 -19.02 -7.98
CA TYR A 53 -10.86 -18.93 -8.91
C TYR A 53 -9.59 -19.33 -8.24
N TYR A 54 -8.71 -19.97 -9.00
CA TYR A 54 -7.34 -20.11 -8.56
C TYR A 54 -6.61 -18.85 -9.02
N LEU A 55 -5.98 -18.16 -8.09
CA LEU A 55 -5.17 -17.01 -8.43
C LEU A 55 -3.72 -17.37 -8.25
N TYR A 56 -2.88 -16.79 -9.08
CA TYR A 56 -1.47 -17.05 -8.97
C TYR A 56 -0.65 -15.92 -9.55
N ALA A 57 0.63 -15.90 -9.20
CA ALA A 57 1.49 -14.83 -9.61
C ALA A 57 2.94 -15.31 -9.55
N ASN A 58 3.68 -14.98 -10.57
CA ASN A 58 5.11 -15.22 -10.62
C ASN A 58 5.85 -13.92 -10.94
N ILE A 59 6.70 -13.49 -10.01
CA ILE A 59 7.43 -12.23 -10.17
C ILE A 59 8.94 -12.47 -10.16
N CYS A 60 9.64 -11.97 -11.17
CA CYS A 60 11.10 -12.08 -11.18
C CYS A 60 11.82 -10.73 -11.04
N PHE A 61 12.86 -10.76 -10.22
CA PHE A 61 13.67 -9.59 -9.98
C PHE A 61 15.08 -9.93 -10.44
N ARG A 62 15.74 -8.93 -10.98
CA ARG A 62 17.05 -9.17 -11.53
C ARG A 62 17.88 -7.90 -11.59
N HIS A 63 19.16 -8.07 -11.34
CA HIS A 63 20.08 -6.97 -11.56
C HIS A 63 21.43 -7.43 -11.99
N HIS A 64 21.99 -6.69 -12.92
CA HIS A 64 23.32 -6.93 -13.42
C HIS A 64 24.04 -5.61 -13.49
N GLU A 65 24.97 -5.38 -12.56
CA GLU A 65 25.79 -4.17 -12.50
C GLU A 65 27.01 -4.31 -13.38
N THR A 66 27.18 -3.42 -14.35
CA THR A 66 28.35 -3.46 -15.24
C THR A 66 29.66 -3.42 -14.47
N SER A 67 29.62 -2.87 -13.27
CA SER A 67 30.79 -2.77 -12.41
C SER A 67 30.40 -2.15 -11.07
N GLY A 68 31.11 -2.53 -10.01
CA GLY A 68 30.79 -2.04 -8.67
C GLY A 68 29.64 -2.75 -7.99
N ASP A 69 28.99 -2.04 -7.08
CA ASP A 69 27.93 -2.62 -6.26
C ASP A 69 26.59 -2.00 -6.61
N LEU A 70 25.52 -2.55 -6.00
CA LEU A 70 24.21 -1.90 -6.01
C LEU A 70 24.27 -0.67 -5.09
N ALA A 71 23.42 0.31 -5.35
CA ALA A 71 23.40 1.52 -4.52
C ALA A 71 22.99 1.16 -3.09
N THR A 72 21.91 0.37 -2.98
CA THR A 72 21.56 -0.29 -1.73
C THR A 72 21.65 -1.80 -1.94
N GLU A 73 22.30 -2.49 -1.01
CA GLU A 73 22.53 -3.92 -1.17
C GLU A 73 21.50 -4.80 -0.44
N TYR A 74 20.95 -4.31 0.66
CA TYR A 74 19.93 -5.08 1.35
C TYR A 74 18.56 -4.71 0.83
N LEU A 75 17.85 -5.69 0.28
CA LEU A 75 16.55 -5.49 -0.37
C LEU A 75 15.41 -6.26 0.27
N GLN A 76 14.22 -5.67 0.28
CA GLN A 76 12.99 -6.44 0.47
C GLN A 76 12.39 -6.70 -0.91
N LEU A 77 12.30 -7.96 -1.31
CA LEU A 77 11.65 -8.30 -2.58
C LEU A 77 10.33 -9.02 -2.34
N MET A 78 9.24 -8.28 -2.53
CA MET A 78 7.93 -8.78 -2.14
C MET A 78 6.88 -8.64 -3.23
N VAL A 79 5.92 -9.56 -3.23
CA VAL A 79 4.75 -9.38 -4.07
C VAL A 79 3.50 -9.46 -3.21
N TYR A 80 2.47 -8.69 -3.59
CA TYR A 80 1.17 -8.69 -2.91
C TYR A 80 0.07 -8.78 -3.91
N VAL A 81 -0.80 -9.76 -3.71
CA VAL A 81 -1.97 -9.87 -4.56
C VAL A 81 -3.15 -9.37 -3.78
N THR A 82 -3.82 -8.34 -4.32
CA THR A 82 -4.91 -7.66 -3.60
C THR A 82 -6.28 -7.72 -4.31
N LYS A 83 -7.32 -7.66 -3.48
CA LYS A 83 -8.73 -7.72 -3.90
C LYS A 83 -9.32 -6.37 -3.56
N THR A 84 -9.97 -5.74 -4.53
CA THR A 84 -10.62 -4.45 -4.32
C THR A 84 -12.01 -4.51 -4.91
N SER A 85 -12.83 -3.51 -4.62
CA SER A 85 -14.15 -3.42 -5.23
C SER A 85 -14.68 -1.99 -5.28
N ILE A 86 -15.54 -1.73 -6.26
CA ILE A 86 -16.33 -0.51 -6.30
C ILE A 86 -17.40 -0.67 -5.24
N LYS A 87 -17.22 -0.01 -4.09
CA LYS A 87 -18.06 -0.15 -2.90
C LYS A 87 -17.18 -0.36 -1.68
N ILE A 88 -16.23 -1.28 -1.83
CA ILE A 88 -15.21 -1.51 -0.82
C ILE A 88 -13.93 -0.95 -1.38
N PRO A 89 -13.82 0.38 -1.38
CA PRO A 89 -12.65 1.06 -1.94
C PRO A 89 -11.37 0.44 -1.40
N SER A 90 -11.35 0.19 -0.10
CA SER A 90 -10.16 -0.35 0.58
C SER A 90 -9.68 -1.69 0.02
N SER A 91 -8.39 -1.79 -0.25
CA SER A 91 -7.81 -3.02 -0.74
C SER A 91 -7.58 -4.00 0.40
N HIS A 92 -7.70 -5.30 0.10
CA HIS A 92 -7.34 -6.36 1.05
C HIS A 92 -6.40 -7.37 0.41
N THR A 93 -5.39 -7.79 1.15
CA THR A 93 -4.39 -8.66 0.54
C THR A 93 -4.82 -10.10 0.57
N LEU A 94 -4.84 -10.73 -0.59
CA LEU A 94 -5.17 -12.14 -0.65
C LEU A 94 -3.92 -12.98 -0.38
N MET A 95 -2.82 -12.63 -1.01
CA MET A 95 -1.60 -13.41 -0.92
C MET A 95 -0.37 -12.51 -0.93
N LYS A 96 0.66 -12.99 -0.28
CA LYS A 96 1.88 -12.23 -0.08
C LYS A 96 3.06 -13.20 -0.26
N GLY A 97 4.16 -12.70 -0.81
CA GLY A 97 5.38 -13.48 -0.87
C GLY A 97 6.64 -12.68 -1.09
N GLY A 98 7.77 -13.34 -0.86
CA GLY A 98 9.06 -12.79 -1.21
C GLY A 98 10.11 -13.09 -0.19
N SER A 99 11.14 -12.26 -0.19
CA SER A 99 12.32 -12.57 0.58
C SER A 99 13.10 -11.29 0.79
N THR A 100 13.71 -11.17 1.96
CA THR A 100 14.78 -10.18 2.13
C THR A 100 15.99 -10.78 1.44
N LYS A 101 16.91 -9.92 1.02
CA LYS A 101 18.02 -10.35 0.20
C LYS A 101 19.21 -9.42 0.31
N TYR A 102 20.40 -10.02 0.34
CA TYR A 102 21.63 -9.25 0.41
C TYR A 102 22.26 -9.43 -0.95
N TRP A 103 22.09 -8.45 -1.82
CA TRP A 103 22.70 -8.47 -3.14
C TRP A 103 24.02 -7.72 -3.06
N SER A 104 25.04 -8.41 -2.54
CA SER A 104 26.31 -7.78 -2.22
C SER A 104 27.11 -7.45 -3.48
N GLY A 105 28.18 -6.67 -3.30
CA GLY A 105 29.00 -6.26 -4.42
C GLY A 105 30.01 -7.32 -4.80
N ASN A 106 29.99 -8.42 -4.05
CA ASN A 106 30.86 -9.55 -4.35
C ASN A 106 30.48 -10.22 -5.66
N SER A 107 29.25 -10.01 -6.10
CA SER A 107 28.80 -10.51 -7.38
C SER A 107 28.08 -9.44 -8.18
N GLU A 108 28.35 -9.41 -9.47
CA GLU A 108 27.84 -8.37 -10.33
C GLU A 108 26.44 -8.66 -10.85
N PHE A 109 25.89 -9.81 -10.49
CA PHE A 109 24.55 -10.16 -10.95
C PHE A 109 23.75 -10.91 -9.91
N HIS A 110 22.43 -10.82 -10.06
CA HIS A 110 21.53 -11.24 -9.02
C HIS A 110 20.17 -11.48 -9.63
N PHE A 111 19.55 -12.56 -9.19
CA PHE A 111 18.25 -12.94 -9.72
C PHE A 111 17.49 -13.58 -8.60
N TYR A 112 16.20 -13.30 -8.54
CA TYR A 112 15.31 -13.93 -7.56
C TYR A 112 13.86 -13.96 -8.08
N SER A 113 13.17 -15.08 -7.89
CA SER A 113 11.76 -15.13 -8.27
C SER A 113 10.82 -15.40 -7.09
N ILE A 114 9.57 -14.93 -7.19
CA ILE A 114 8.55 -15.27 -6.22
C ILE A 114 7.37 -15.90 -6.94
N ASN A 115 6.79 -16.91 -6.32
CA ASN A 115 5.58 -17.53 -6.81
C ASN A 115 4.55 -17.65 -5.68
N VAL A 116 3.29 -17.29 -5.97
CA VAL A 116 2.20 -17.44 -5.01
C VAL A 116 0.98 -17.95 -5.75
N GLY A 117 0.12 -18.67 -5.04
CA GLY A 117 -1.11 -19.17 -5.62
C GLY A 117 -2.09 -19.49 -4.50
N GLY A 118 -3.37 -19.53 -4.84
CA GLY A 118 -4.39 -19.69 -3.82
C GLY A 118 -5.77 -19.74 -4.45
N PHE A 119 -6.69 -20.31 -3.67
CA PHE A 119 -8.06 -20.52 -4.09
C PHE A 119 -8.95 -19.49 -3.40
N PHE A 120 -9.74 -18.76 -4.18
CA PHE A 120 -10.49 -17.62 -3.65
C PHE A 120 -11.89 -17.44 -4.24
N LYS A 121 -12.85 -17.15 -3.37
CA LYS A 121 -14.22 -16.86 -3.77
C LYS A 121 -14.33 -15.44 -4.29
N LEU A 122 -14.67 -15.30 -5.56
CA LEU A 122 -14.79 -13.98 -6.17
C LEU A 122 -16.21 -13.71 -6.70
N ARG A 123 -16.60 -12.45 -6.68
CA ARG A 123 -17.92 -12.05 -7.14
C ARG A 123 -17.70 -11.06 -8.26
N SER A 124 -18.67 -10.90 -9.14
CA SER A 124 -18.48 -9.96 -10.22
C SER A 124 -18.23 -8.57 -9.64
N GLY A 125 -17.39 -7.80 -10.31
CA GLY A 125 -17.11 -6.45 -9.90
C GLY A 125 -15.91 -6.34 -8.97
N GLU A 126 -15.45 -7.49 -8.48
CA GLU A 126 -14.24 -7.56 -7.65
C GLU A 126 -13.03 -7.49 -8.57
N GLU A 127 -11.93 -6.93 -8.07
CA GLU A 127 -10.74 -6.75 -8.90
C GLU A 127 -9.44 -7.16 -8.24
N ILE A 128 -8.61 -7.82 -9.03
CA ILE A 128 -7.33 -8.28 -8.54
C ILE A 128 -6.22 -7.34 -9.00
N SER A 129 -5.29 -7.07 -8.11
CA SER A 129 -4.19 -6.20 -8.47
C SER A 129 -2.91 -6.70 -7.86
N ILE A 130 -1.80 -6.28 -8.46
CA ILE A 130 -0.50 -6.70 -8.04
C ILE A 130 0.26 -5.49 -7.54
N GLU A 131 0.93 -5.66 -6.39
CA GLU A 131 1.89 -4.69 -5.89
C GLU A 131 3.20 -5.40 -5.60
N VAL A 132 4.30 -4.68 -5.79
CA VAL A 132 5.62 -5.23 -5.49
C VAL A 132 6.48 -4.13 -4.95
N SER A 133 7.53 -4.55 -4.27
CA SER A 133 8.58 -3.64 -3.84
C SER A 133 9.67 -3.69 -4.91
N ASN A 134 10.43 -2.60 -5.04
CA ASN A 134 11.57 -2.57 -5.94
C ASN A 134 11.26 -2.95 -7.38
N PRO A 135 10.26 -2.29 -7.96
CA PRO A 135 9.71 -2.55 -9.29
C PRO A 135 10.76 -2.43 -10.39
N SER A 136 11.69 -1.49 -10.24
CA SER A 136 12.78 -1.28 -11.20
C SER A 136 13.72 -2.47 -11.39
N LEU A 137 13.54 -3.51 -10.59
CA LEU A 137 14.42 -4.66 -10.66
C LEU A 137 13.71 -5.78 -11.39
N LEU A 138 12.50 -5.49 -11.82
CA LEU A 138 11.65 -6.50 -12.43
C LEU A 138 12.20 -7.04 -13.73
N ASP A 139 12.09 -8.35 -13.88
CA ASP A 139 12.36 -9.00 -15.14
C ASP A 139 11.19 -8.74 -16.09
N PRO A 140 11.48 -8.27 -17.29
CA PRO A 140 10.40 -7.87 -18.19
C PRO A 140 9.88 -9.00 -19.08
N ASP A 141 10.38 -10.21 -18.88
CA ASP A 141 10.04 -11.36 -19.71
C ASP A 141 8.65 -11.93 -19.42
N GLN A 142 7.91 -12.23 -20.47
CA GLN A 142 6.58 -12.83 -20.29
C GLN A 142 6.65 -14.14 -19.55
N ASP A 143 7.74 -14.89 -19.71
CA ASP A 143 7.89 -16.13 -18.94
C ASP A 143 8.32 -15.89 -17.49
N ALA A 144 8.55 -14.62 -17.13
CA ALA A 144 9.13 -14.28 -15.82
C ALA A 144 8.14 -13.62 -14.87
N THR A 145 7.43 -12.63 -15.39
CA THR A 145 6.66 -11.75 -14.54
C THR A 145 5.23 -11.70 -15.05
N TYR A 146 4.34 -12.34 -14.30
CA TYR A 146 2.99 -12.55 -14.77
C TYR A 146 2.06 -12.94 -13.62
N PHE A 147 0.77 -12.72 -13.81
CA PHE A 147 -0.19 -13.25 -12.87
C PHE A 147 -1.46 -13.65 -13.60
N GLY A 148 -2.35 -14.34 -12.90
CA GLY A 148 -3.44 -14.99 -13.59
C GLY A 148 -4.50 -15.57 -12.69
N ALA A 149 -5.57 -16.04 -13.33
CA ALA A 149 -6.73 -16.54 -12.63
C ALA A 149 -7.52 -17.47 -13.52
N PHE A 150 -8.09 -18.52 -12.95
CA PHE A 150 -9.12 -19.27 -13.66
C PHE A 150 -10.22 -19.76 -12.75
N LYS A 151 -11.44 -19.69 -13.26
CA LYS A 151 -12.62 -20.15 -12.53
C LYS A 151 -12.58 -21.67 -12.41
N VAL A 152 -12.85 -22.16 -11.21
CA VAL A 152 -12.84 -23.59 -10.98
C VAL A 152 -14.24 -24.07 -10.66
N ARG A 153 -14.98 -23.23 -9.94
CA ARG A 153 -16.26 -23.63 -9.38
C ARG A 153 -17.27 -22.50 -9.42
N ASP A 154 -18.53 -22.89 -9.38
CA ASP A 154 -19.59 -21.94 -9.14
C ASP A 154 -19.69 -21.76 -7.64
N ILE A 155 -20.29 -20.67 -7.19
CA ILE A 155 -20.63 -20.55 -5.78
C ILE A 155 -21.94 -21.28 -5.60
N ASP A 156 -21.87 -22.48 -5.02
CA ASP A 156 -22.97 -23.44 -5.03
C ASP A 156 -22.95 -24.25 -6.33
N PRO B 5 -32.08 11.24 6.11
CA PRO B 5 -32.71 10.45 7.18
C PRO B 5 -31.66 9.57 7.82
N LYS B 6 -32.07 8.38 8.29
CA LYS B 6 -31.11 7.34 8.59
C LYS B 6 -30.42 7.02 7.26
N TYR B 7 -31.10 7.37 6.18
CA TYR B 7 -30.57 7.22 4.82
C TYR B 7 -31.14 6.01 4.13
N LEU B 8 -31.71 6.25 2.95
CA LEU B 8 -32.46 5.24 2.23
C LEU B 8 -31.83 4.89 0.86
N HIS B 9 -32.39 3.89 0.19
CA HIS B 9 -31.90 3.48 -1.12
C HIS B 9 -32.97 2.69 -1.87
N TYR B 10 -32.83 2.59 -3.19
CA TYR B 10 -33.78 1.89 -4.03
C TYR B 10 -33.68 0.39 -3.83
N ASP B 11 -34.79 -0.32 -4.00
CA ASP B 11 -34.70 -1.77 -4.06
C ASP B 11 -35.40 -2.32 -5.29
N GLU B 12 -36.67 -1.96 -5.45
CA GLU B 12 -37.47 -2.45 -6.57
C GLU B 12 -37.93 -3.89 -6.36
N GLU B 13 -38.86 -4.07 -5.44
CA GLU B 13 -39.52 -5.35 -5.24
C GLU B 13 -40.39 -5.65 -6.47
N THR B 14 -41.15 -6.74 -6.44
CA THR B 14 -41.95 -7.15 -7.61
C THR B 14 -42.62 -5.97 -8.31
N SER B 15 -43.51 -5.27 -7.59
CA SER B 15 -44.21 -4.12 -8.14
C SER B 15 -43.28 -2.93 -8.45
N HIS B 16 -43.14 -2.03 -7.47
CA HIS B 16 -42.41 -0.77 -7.65
C HIS B 16 -40.95 -0.80 -7.25
N GLN B 17 -40.38 0.39 -7.13
CA GLN B 17 -39.04 0.60 -6.62
C GLN B 17 -39.15 1.34 -5.29
N LEU B 18 -38.59 0.77 -4.24
CA LEU B 18 -38.84 1.27 -2.90
C LEU B 18 -37.68 2.00 -2.26
N LEU B 19 -38.01 2.83 -1.27
CA LEU B 19 -37.00 3.49 -0.45
C LEU B 19 -36.76 2.66 0.82
N CYS B 20 -35.65 1.95 0.82
CA CYS B 20 -35.27 1.10 1.94
C CYS B 20 -34.22 1.81 2.74
N ASP B 21 -34.14 1.52 4.03
CA ASP B 21 -33.08 2.05 4.86
C ASP B 21 -31.77 1.35 4.59
N LYS B 22 -30.67 2.08 4.78
CA LYS B 22 -29.35 1.49 4.67
C LYS B 22 -28.96 0.86 6.01
N CYS B 23 -27.97 -0.02 5.99
CA CYS B 23 -27.52 -0.66 7.20
C CYS B 23 -26.39 0.12 7.82
N PRO B 24 -26.50 0.35 9.13
CA PRO B 24 -25.52 1.09 9.92
C PRO B 24 -24.18 0.38 10.03
N PRO B 25 -23.11 1.17 10.23
CA PRO B 25 -21.82 0.59 10.56
C PRO B 25 -22.02 -0.36 11.72
N GLY B 26 -21.43 -1.55 11.67
CA GLY B 26 -21.56 -2.49 12.76
C GLY B 26 -22.50 -3.64 12.43
N THR B 27 -23.14 -3.54 11.27
CA THR B 27 -24.11 -4.53 10.86
C THR B 27 -23.90 -4.93 9.40
N TYR B 28 -24.52 -6.05 9.01
CA TYR B 28 -24.65 -6.41 7.61
C TYR B 28 -26.14 -6.45 7.25
N LEU B 29 -26.45 -6.59 5.96
CA LEU B 29 -27.83 -6.60 5.53
C LEU B 29 -28.40 -7.99 5.39
N LYS B 30 -29.45 -8.29 6.14
CA LYS B 30 -30.10 -9.59 6.05
C LYS B 30 -31.31 -9.62 5.11
N GLN B 31 -32.19 -8.62 5.21
CA GLN B 31 -33.36 -8.59 4.33
C GLN B 31 -33.71 -7.19 3.86
N HIS B 32 -33.91 -7.05 2.54
CA HIS B 32 -34.31 -5.79 1.94
C HIS B 32 -35.71 -5.39 2.35
N CYS B 33 -35.91 -4.09 2.54
CA CYS B 33 -37.24 -3.58 2.88
C CYS B 33 -38.22 -3.93 1.77
N THR B 34 -39.51 -3.89 2.06
CA THR B 34 -40.51 -4.33 1.11
C THR B 34 -41.85 -3.62 1.22
N ALA B 35 -41.88 -2.44 1.85
CA ALA B 35 -43.15 -1.77 2.12
C ALA B 35 -43.95 -2.59 3.10
N LYS B 36 -44.01 -2.12 4.34
CA LYS B 36 -44.49 -2.92 5.46
C LYS B 36 -43.37 -3.81 5.99
N TRP B 37 -42.30 -3.98 5.20
CA TRP B 37 -41.09 -4.62 5.73
C TRP B 37 -39.89 -3.71 5.67
N LYS B 38 -39.25 -3.56 6.81
CA LYS B 38 -38.04 -2.76 6.93
C LYS B 38 -36.77 -3.50 6.53
N THR B 39 -35.71 -2.73 6.38
CA THR B 39 -34.40 -3.31 6.15
C THR B 39 -34.01 -4.04 7.43
N VAL B 40 -33.68 -5.32 7.27
CA VAL B 40 -33.27 -6.13 8.40
C VAL B 40 -31.77 -6.13 8.47
N CYS B 41 -31.22 -5.51 9.49
CA CYS B 41 -29.77 -5.38 9.62
C CYS B 41 -29.30 -6.14 10.84
N ALA B 42 -28.44 -7.13 10.62
CA ALA B 42 -27.85 -7.91 11.73
C ALA B 42 -26.47 -7.39 12.10
N PRO B 43 -26.03 -7.65 13.33
CA PRO B 43 -24.67 -7.25 13.69
C PRO B 43 -23.65 -8.13 12.98
N CYS B 44 -22.45 -7.60 12.79
CA CYS B 44 -21.39 -8.37 12.18
C CYS B 44 -21.00 -9.51 13.12
N PRO B 45 -20.49 -10.61 12.57
CA PRO B 45 -19.88 -11.69 13.36
C PRO B 45 -18.65 -11.26 14.17
N ASP B 46 -18.12 -12.19 14.98
CA ASP B 46 -17.12 -11.86 16.00
C ASP B 46 -15.83 -11.20 15.49
N HIS B 47 -15.40 -11.49 14.26
CA HIS B 47 -14.14 -10.87 13.84
C HIS B 47 -14.28 -9.92 12.67
N TYR B 48 -15.52 -9.62 12.30
CA TYR B 48 -15.80 -8.73 11.17
C TYR B 48 -16.29 -7.36 11.61
N TYR B 49 -16.50 -6.46 10.65
CA TYR B 49 -16.85 -5.07 10.95
C TYR B 49 -17.42 -4.36 9.71
N THR B 50 -17.98 -3.17 9.92
CA THR B 50 -18.34 -2.24 8.85
C THR B 50 -18.23 -0.75 9.27
N ASP B 51 -17.51 0.05 8.48
CA ASP B 51 -17.22 1.43 8.86
C ASP B 51 -18.44 2.30 8.71
N SER B 52 -19.15 2.09 7.62
CA SER B 52 -20.15 3.06 7.21
C SER B 52 -21.49 2.43 6.86
N TRP B 53 -22.46 3.30 6.61
CA TRP B 53 -23.74 2.86 6.11
C TRP B 53 -23.55 2.18 4.77
N HIS B 54 -24.39 1.21 4.48
CA HIS B 54 -24.11 0.36 3.33
C HIS B 54 -25.23 -0.63 3.14
N THR B 55 -24.99 -1.56 2.22
CA THR B 55 -26.04 -2.43 1.69
C THR B 55 -25.55 -3.85 1.44
N SER B 56 -24.28 -4.12 1.68
CA SER B 56 -23.77 -5.46 1.41
C SER B 56 -24.33 -6.47 2.40
N ASP B 57 -24.56 -7.68 1.90
CA ASP B 57 -25.06 -8.78 2.73
C ASP B 57 -23.93 -9.34 3.58
N GLU B 58 -22.70 -8.99 3.24
CA GLU B 58 -21.53 -9.54 3.91
C GLU B 58 -20.76 -8.47 4.69
N CYS B 59 -20.07 -8.91 5.72
CA CYS B 59 -19.25 -8.04 6.54
C CYS B 59 -17.77 -8.19 6.16
N LEU B 60 -16.91 -7.39 6.79
CA LEU B 60 -15.48 -7.45 6.48
C LEU B 60 -14.63 -8.06 7.61
N TYR B 61 -13.65 -8.88 7.21
CA TYR B 61 -12.77 -9.51 8.19
C TYR B 61 -11.69 -8.54 8.68
N CYS B 62 -11.49 -8.53 9.99
CA CYS B 62 -10.49 -7.66 10.59
C CYS B 62 -9.09 -8.17 10.27
N SER B 63 -8.25 -7.27 9.79
CA SER B 63 -7.03 -7.68 9.12
C SER B 63 -6.14 -6.47 8.84
N PRO B 64 -4.82 -6.68 8.77
CA PRO B 64 -4.19 -7.95 9.15
C PRO B 64 -3.68 -7.86 10.57
N VAL B 65 -3.00 -8.92 11.01
CA VAL B 65 -2.31 -8.95 12.29
C VAL B 65 -1.19 -7.90 12.35
N CYS B 66 -0.89 -7.41 13.55
CA CYS B 66 0.18 -6.42 13.73
C CYS B 66 1.55 -7.05 13.71
N LYS B 67 2.52 -6.29 13.22
CA LYS B 67 3.88 -6.77 13.12
C LYS B 67 4.60 -6.55 14.45
N GLU B 68 5.84 -7.05 14.53
CA GLU B 68 6.60 -7.03 15.78
C GLU B 68 6.72 -5.66 16.43
N LEU B 69 7.26 -4.71 15.69
CA LEU B 69 7.44 -3.36 16.22
C LEU B 69 6.22 -2.47 15.98
N GLN B 70 5.07 -3.11 15.89
CA GLN B 70 3.81 -2.39 15.77
C GLN B 70 2.95 -2.57 16.98
N TYR B 71 2.08 -1.60 17.21
CA TYR B 71 1.12 -1.69 18.29
C TYR B 71 -0.30 -1.41 17.77
N VAL B 72 -1.29 -2.03 18.43
CA VAL B 72 -2.69 -1.82 18.05
C VAL B 72 -3.21 -0.48 18.51
N LYS B 73 -3.27 0.48 17.59
CA LYS B 73 -3.80 1.79 17.88
C LYS B 73 -5.31 1.71 18.09
N GLN B 74 -5.98 1.07 17.14
CA GLN B 74 -7.41 0.88 17.20
C GLN B 74 -7.73 -0.61 17.20
N GLU B 75 -8.36 -1.07 18.26
CA GLU B 75 -8.73 -2.46 18.37
C GLU B 75 -9.85 -2.74 17.39
N CYS B 76 -10.08 -4.02 17.12
CA CYS B 76 -11.05 -4.44 16.12
C CYS B 76 -12.46 -4.49 16.72
N ASN B 77 -13.29 -3.51 16.36
CA ASN B 77 -14.69 -3.42 16.78
C ASN B 77 -15.59 -3.99 15.68
N ARG B 78 -16.88 -4.14 15.97
CA ARG B 78 -17.85 -4.47 14.93
C ARG B 78 -18.04 -3.28 14.01
N THR B 79 -17.47 -2.15 14.42
CA THR B 79 -17.62 -0.89 13.72
C THR B 79 -16.35 -0.43 13.00
N HIS B 80 -15.21 -0.95 13.43
CA HIS B 80 -13.92 -0.50 12.90
C HIS B 80 -13.06 -1.70 12.62
N ASN B 81 -12.15 -1.55 11.68
CA ASN B 81 -11.10 -2.55 11.48
C ASN B 81 -9.93 -2.23 12.39
N ARG B 82 -9.21 -3.26 12.80
CA ARG B 82 -7.99 -3.09 13.57
C ARG B 82 -7.06 -2.08 12.88
N VAL B 83 -6.36 -1.26 13.65
CA VAL B 83 -5.35 -0.40 13.06
C VAL B 83 -4.03 -0.59 13.77
N CYS B 84 -3.01 -0.95 13.00
CA CYS B 84 -1.69 -1.21 13.54
C CYS B 84 -0.76 -0.10 13.11
N GLU B 85 0.10 0.34 14.02
CA GLU B 85 1.04 1.39 13.65
C GLU B 85 2.44 1.12 14.17
N CYS B 86 3.43 1.60 13.42
CA CYS B 86 4.81 1.53 13.85
C CYS B 86 5.04 2.43 15.05
N LYS B 87 5.76 1.91 16.03
CA LYS B 87 6.10 2.65 17.24
C LYS B 87 6.94 3.90 16.93
N GLU B 88 7.05 4.79 17.92
CA GLU B 88 7.79 6.04 17.77
C GLU B 88 9.13 5.80 17.12
N GLY B 89 9.48 6.69 16.21
CA GLY B 89 10.77 6.63 15.54
C GLY B 89 10.76 5.76 14.30
N ARG B 90 9.71 4.96 14.13
CA ARG B 90 9.69 4.02 13.00
C ARG B 90 8.50 4.16 12.06
N TYR B 91 8.76 3.93 10.79
CA TYR B 91 7.73 3.97 9.76
C TYR B 91 7.65 2.59 9.14
N LEU B 92 6.47 2.26 8.61
CA LEU B 92 6.32 0.99 7.93
C LEU B 92 6.95 1.04 6.57
N GLU B 93 8.00 0.24 6.39
CA GLU B 93 8.64 0.07 5.10
C GLU B 93 8.41 -1.35 4.59
N ILE B 94 7.42 -1.52 3.72
CA ILE B 94 7.13 -2.79 3.12
C ILE B 94 6.72 -3.78 4.21
N GLU B 95 7.59 -4.68 4.61
CA GLU B 95 7.17 -5.64 5.61
C GLU B 95 7.56 -5.32 7.07
N PHE B 96 8.33 -4.24 7.28
CA PHE B 96 8.92 -4.01 8.61
C PHE B 96 8.90 -2.56 9.11
N CYS B 97 8.90 -2.40 10.43
CA CYS B 97 8.97 -1.08 11.04
C CYS B 97 10.40 -0.61 11.27
N LEU B 98 10.82 0.35 10.46
CA LEU B 98 12.21 0.81 10.47
C LEU B 98 12.36 2.20 11.09
N LYS B 99 13.50 2.41 11.74
CA LYS B 99 13.77 3.67 12.38
C LYS B 99 13.82 4.73 11.30
N HIS B 100 13.18 5.87 11.58
CA HIS B 100 13.28 7.06 10.77
C HIS B 100 14.74 7.40 10.51
N ARG B 101 15.00 7.88 9.29
CA ARG B 101 16.29 8.43 8.92
C ARG B 101 16.75 9.52 9.89
N SER B 102 18.03 9.49 10.25
CA SER B 102 18.60 10.58 11.02
C SER B 102 19.10 11.64 10.05
N CYS B 103 18.71 12.89 10.27
CA CYS B 103 19.21 13.97 9.43
C CYS B 103 20.59 14.38 9.93
N PRO B 104 21.61 14.22 9.07
CA PRO B 104 23.03 14.39 9.42
C PRO B 104 23.29 15.72 10.12
N PRO B 105 24.38 15.79 10.88
CA PRO B 105 24.72 17.04 11.57
C PRO B 105 24.76 18.19 10.59
N GLY B 106 24.57 17.92 9.29
CA GLY B 106 24.60 18.97 8.31
C GLY B 106 23.23 19.46 7.89
N PHE B 107 22.24 18.56 7.95
CA PHE B 107 20.95 18.77 7.29
C PHE B 107 19.78 18.88 8.27
N GLY B 108 18.59 19.15 7.73
CA GLY B 108 17.39 19.28 8.55
C GLY B 108 16.09 18.67 8.03
N VAL B 109 15.26 18.18 8.96
CA VAL B 109 13.96 17.59 8.65
C VAL B 109 13.02 18.54 7.92
N VAL B 110 12.66 18.19 6.69
CA VAL B 110 11.78 19.02 5.90
C VAL B 110 10.40 18.36 5.80
N GLN B 111 10.35 17.08 6.14
CA GLN B 111 9.11 16.32 6.14
C GLN B 111 9.09 15.30 7.28
N ALA B 112 8.33 15.63 8.31
CA ALA B 112 8.20 14.77 9.47
C ALA B 112 7.94 13.31 9.11
N GLY B 113 8.86 12.44 9.50
CA GLY B 113 8.61 11.02 9.41
C GLY B 113 7.32 10.76 10.16
N THR B 114 6.56 9.79 9.68
CA THR B 114 5.30 9.42 10.30
C THR B 114 5.35 7.93 10.51
N PRO B 115 4.25 7.35 11.02
CA PRO B 115 4.24 5.89 11.15
C PRO B 115 4.18 5.24 9.79
N GLU B 116 3.94 6.03 8.74
CA GLU B 116 3.87 5.49 7.39
C GLU B 116 4.98 5.98 6.46
N ARG B 117 5.61 7.10 6.80
CA ARG B 117 6.64 7.64 5.91
C ARG B 117 7.92 7.99 6.63
N ASN B 118 9.04 7.82 5.93
CA ASN B 118 10.32 8.10 6.54
C ASN B 118 10.43 9.60 6.75
N THR B 119 11.37 10.03 7.57
CA THR B 119 11.60 11.46 7.65
C THR B 119 12.44 11.82 6.43
N VAL B 120 12.02 12.88 5.74
CA VAL B 120 12.72 13.37 4.57
C VAL B 120 13.69 14.47 4.98
N CYS B 121 14.97 14.29 4.65
CA CYS B 121 15.96 15.31 4.96
C CYS B 121 16.29 16.15 3.72
N LYS B 122 16.93 17.29 3.94
CA LYS B 122 17.37 18.18 2.87
C LYS B 122 18.58 18.97 3.32
N ARG B 123 19.15 19.78 2.42
CA ARG B 123 20.29 20.60 2.81
C ARG B 123 19.84 21.95 3.34
N CYS B 124 20.54 22.45 4.35
CA CYS B 124 20.25 23.77 4.90
C CYS B 124 20.67 24.88 3.93
N PRO B 125 19.68 25.56 3.33
CA PRO B 125 19.94 26.65 2.37
C PRO B 125 20.92 27.71 2.90
N ASP B 126 21.32 28.63 2.04
CA ASP B 126 22.16 29.71 2.49
C ASP B 126 21.41 30.43 3.60
N GLY B 127 22.07 30.63 4.73
CA GLY B 127 21.48 31.34 5.85
C GLY B 127 20.75 30.46 6.86
N PHE B 128 20.97 29.15 6.78
CA PHE B 128 20.39 28.20 7.73
C PHE B 128 21.43 27.23 8.23
N PHE B 129 21.03 26.34 9.13
CA PHE B 129 21.96 25.41 9.72
C PHE B 129 21.25 24.37 10.61
N SER B 130 22.01 23.34 10.98
CA SER B 130 21.68 22.45 12.11
C SER B 130 22.96 21.88 12.71
N ASN B 131 23.11 22.01 14.04
CA ASN B 131 24.32 21.52 14.72
C ASN B 131 24.31 20.00 15.04
N GLU B 132 23.25 19.30 14.69
CA GLU B 132 23.07 17.93 15.16
C GLU B 132 22.55 16.92 14.15
N THR B 133 22.64 15.65 14.53
CA THR B 133 22.01 14.57 13.79
C THR B 133 20.70 14.26 14.50
N SER B 134 19.60 14.67 13.90
CA SER B 134 18.28 14.48 14.48
C SER B 134 17.33 13.95 13.43
N SER B 135 16.40 13.09 13.84
CA SER B 135 15.40 12.62 12.90
C SER B 135 14.21 13.55 12.94
N LYS B 136 14.23 14.50 13.88
CA LYS B 136 13.06 15.37 14.10
C LYS B 136 13.32 16.85 13.81
N ALA B 137 14.54 17.31 14.06
CA ALA B 137 14.85 18.74 14.07
C ALA B 137 15.01 19.36 12.69
N PRO B 138 14.30 20.48 12.45
CA PRO B 138 14.33 21.24 11.19
C PRO B 138 15.59 22.09 11.05
N CYS B 139 15.78 22.67 9.86
CA CYS B 139 16.81 23.69 9.65
C CYS B 139 16.38 24.99 10.32
N ARG B 140 17.15 25.43 11.31
CA ARG B 140 16.91 26.72 11.96
C ARG B 140 17.75 27.81 11.27
N LYS B 141 17.22 29.02 11.17
CA LYS B 141 17.94 30.05 10.43
C LYS B 141 18.97 30.76 11.30
N HIS B 142 20.04 31.24 10.67
CA HIS B 142 21.11 31.92 11.40
C HIS B 142 20.46 32.95 12.29
N THR B 143 20.78 32.93 13.58
CA THR B 143 20.30 33.97 14.45
C THR B 143 20.90 35.33 14.01
N ASN B 144 20.05 36.32 13.79
CA ASN B 144 20.55 37.62 13.37
C ASN B 144 21.09 38.46 14.53
N CYS B 145 22.32 38.19 14.92
CA CYS B 145 22.98 38.96 15.96
C CYS B 145 22.92 40.40 15.50
N SER B 146 23.35 40.57 14.26
CA SER B 146 23.50 41.89 13.62
C SER B 146 22.55 42.89 14.23
N VAL B 147 21.25 42.68 14.02
CA VAL B 147 20.25 43.52 14.65
C VAL B 147 20.01 43.06 16.09
N PHE B 148 18.81 42.54 16.37
CA PHE B 148 18.41 42.36 17.77
C PHE B 148 19.50 41.80 18.68
N GLY B 149 19.92 42.63 19.63
CA GLY B 149 20.96 42.24 20.57
C GLY B 149 22.33 42.82 20.26
N LEU B 150 23.23 41.95 19.80
CA LEU B 150 24.65 42.26 19.76
C LEU B 150 25.26 42.32 18.37
N LEU B 151 26.54 41.97 18.27
CA LEU B 151 27.25 42.01 16.99
C LEU B 151 27.67 40.61 16.54
N LEU B 152 28.05 40.48 15.28
CA LEU B 152 28.57 39.22 14.72
C LEU B 152 30.02 38.96 15.18
N THR B 153 30.36 37.69 15.32
CA THR B 153 31.70 37.29 15.76
C THR B 153 32.25 36.15 14.89
N GLN B 154 31.34 35.28 14.43
CA GLN B 154 31.69 34.21 13.50
C GLN B 154 30.56 33.89 12.53
N LYS B 155 30.87 34.06 11.25
CA LYS B 155 29.96 33.68 10.17
C LYS B 155 29.45 32.27 10.44
N GLY B 156 28.22 32.01 10.05
CA GLY B 156 27.64 30.69 10.20
C GLY B 156 27.50 30.03 8.85
N ASN B 157 27.99 28.79 8.74
CA ASN B 157 27.80 27.98 7.54
C ASN B 157 26.49 27.20 7.61
N ALA B 158 26.42 26.09 6.88
CA ALA B 158 25.22 25.26 6.89
C ALA B 158 25.19 24.33 8.10
N THR B 159 26.29 24.31 8.86
CA THR B 159 26.43 23.40 9.98
C THR B 159 26.53 24.18 11.27
N HIS B 160 26.66 25.50 11.15
CA HIS B 160 26.96 26.33 12.31
C HIS B 160 26.26 27.69 12.25
N ASP B 161 25.72 28.10 13.40
CA ASP B 161 24.98 29.34 13.51
C ASP B 161 25.95 30.51 13.52
N ASN B 162 25.43 31.74 13.47
CA ASN B 162 26.29 32.88 13.69
C ASN B 162 26.67 32.92 15.17
N ILE B 163 27.98 32.95 15.44
CA ILE B 163 28.45 33.17 16.80
C ILE B 163 28.57 34.68 16.99
N CYS B 164 27.75 35.23 17.89
CA CYS B 164 27.58 36.68 17.95
C CYS B 164 27.72 37.30 19.33
N SER B 165 28.97 37.55 19.72
CA SER B 165 29.28 38.25 20.97
C SER B 165 28.91 39.73 20.83
N HIS B 166 29.18 40.53 21.86
CA HIS B 166 28.89 41.96 21.77
C HIS B 166 30.15 42.84 21.82
N HIS B 167 31.19 42.43 21.08
CA HIS B 167 32.37 43.27 20.92
C HIS B 167 33.00 43.19 19.52
N HIS B 168 32.39 43.97 18.63
CA HIS B 168 32.84 44.17 17.25
C HIS B 168 32.89 42.93 16.38
#